data_2RFJ
#
_entry.id   2RFJ
#
_cell.length_a   42.935
_cell.length_b   92.679
_cell.length_c   100.107
_cell.angle_alpha   90.000
_cell.angle_beta   90.000
_cell.angle_gamma   90.000
#
_symmetry.space_group_name_H-M   'P 21 21 21'
#
loop_
_entity.id
_entity.type
_entity.pdbx_description
1 polymer 'Bromodomain testis-specific protein'
2 water water
#
_entity_poly.entity_id   1
_entity_poly.type   'polypeptide(L)'
_entity_poly.pdbx_seq_one_letter_code
;SMNTKKNGRLTNQLQYLQKVVLKDLWKHSFSWPFQRPVDAVKLQLPDYYTIIKNPMDLNTIKKRLENKYYAKASECIEDF
NTMFSNCYLYNKPGDDIVLMAQALEKLFMQKLSQMPQEE
;
_entity_poly.pdbx_strand_id   A,B,C
#
# COMPACT_ATOMS: atom_id res chain seq x y z
N MET A 2 -3.23 -4.65 25.84
CA MET A 2 -2.49 -3.36 25.72
C MET A 2 -3.18 -2.24 26.50
N ARG A 9 -22.36 6.01 21.00
CA ARG A 9 -20.95 5.69 21.27
C ARG A 9 -20.23 5.45 19.97
N LEU A 10 -20.82 4.67 19.07
CA LEU A 10 -20.29 4.49 17.72
C LEU A 10 -20.42 5.81 16.94
N THR A 11 -21.56 6.49 17.08
CA THR A 11 -21.76 7.82 16.48
C THR A 11 -20.79 8.88 17.02
N ASN A 12 -20.52 8.84 18.33
CA ASN A 12 -19.51 9.70 18.98
C ASN A 12 -18.09 9.46 18.46
N GLN A 13 -17.68 8.20 18.37
CA GLN A 13 -16.39 7.85 17.79
C GLN A 13 -16.21 8.34 16.34
N LEU A 14 -17.22 8.08 15.52
CA LEU A 14 -17.19 8.46 14.13
C LEU A 14 -17.24 10.00 14.01
N GLN A 15 -18.08 10.65 14.81
CA GLN A 15 -18.13 12.12 14.85
C GLN A 15 -16.78 12.74 15.29
N TYR A 16 -16.07 12.15 16.24
CA TYR A 16 -14.73 12.65 16.62
C TYR A 16 -13.70 12.48 15.48
N LEU A 17 -13.81 11.35 14.79
CA LEU A 17 -12.97 11.03 13.65
C LEU A 17 -13.19 12.02 12.49
N GLN A 18 -14.44 12.40 12.30
CA GLN A 18 -14.80 13.35 11.23
C GLN A 18 -14.43 14.78 11.60
N LYS A 19 -14.96 15.25 12.73
CA LYS A 19 -14.93 16.67 13.08
C LYS A 19 -13.63 17.10 13.71
N VAL A 20 -12.85 16.16 14.25
CA VAL A 20 -11.59 16.49 14.89
C VAL A 20 -10.40 15.91 14.11
N VAL A 21 -10.36 14.58 14.01
CA VAL A 21 -9.20 13.91 13.41
C VAL A 21 -9.05 14.31 11.95
N LEU A 22 -10.01 13.95 11.10
CA LEU A 22 -9.96 14.25 9.70
C LEU A 22 -9.82 15.73 9.43
N LYS A 23 -10.65 16.55 10.08
CA LYS A 23 -10.49 18.01 10.04
C LYS A 23 -9.04 18.48 10.21
N ASP A 24 -8.36 17.96 11.22
CA ASP A 24 -7.03 18.44 11.55
C ASP A 24 -6.06 18.05 10.43
N LEU A 25 -6.23 16.84 9.89
CA LEU A 25 -5.38 16.40 8.79
C LEU A 25 -5.63 17.15 7.51
N TRP A 26 -6.92 17.27 7.20
CA TRP A 26 -7.43 17.99 6.05
C TRP A 26 -6.82 19.38 5.96
N LYS A 27 -6.79 20.08 7.09
CA LYS A 27 -6.28 21.44 7.15
C LYS A 27 -4.77 21.57 7.30
N HIS A 28 -4.06 20.48 7.55
CA HIS A 28 -2.60 20.54 7.71
C HIS A 28 -1.98 20.89 6.36
N SER A 29 -0.85 21.61 6.38
CA SER A 29 -0.23 22.06 5.13
C SER A 29 0.37 20.95 4.27
N PHE A 30 0.52 19.76 4.82
CA PHE A 30 1.08 18.62 4.06
C PHE A 30 0.04 17.64 3.61
N SER A 31 -1.24 17.99 3.70
CA SER A 31 -2.25 17.00 3.37
C SER A 31 -2.53 16.94 1.88
N TRP A 32 -2.07 17.92 1.09
CA TRP A 32 -2.43 17.94 -0.33
C TRP A 32 -2.07 16.70 -1.18
N PRO A 33 -0.94 16.01 -0.91
CA PRO A 33 -0.68 14.75 -1.62
C PRO A 33 -1.65 13.59 -1.34
N PHE A 34 -2.50 13.78 -0.32
CA PHE A 34 -3.44 12.79 0.18
C PHE A 34 -4.87 13.24 -0.04
N GLN A 35 -5.01 14.23 -0.92
CA GLN A 35 -6.28 14.75 -1.38
C GLN A 35 -6.38 14.70 -2.92
N ARG A 36 -7.61 14.67 -3.41
CA ARG A 36 -7.91 14.79 -4.82
C ARG A 36 -8.96 15.87 -5.01
N PRO A 37 -8.86 16.67 -6.11
CA PRO A 37 -7.83 16.59 -7.11
C PRO A 37 -6.52 17.17 -6.58
N VAL A 38 -5.42 16.89 -7.28
CA VAL A 38 -4.11 17.49 -7.01
C VAL A 38 -4.07 18.84 -7.70
N ASP A 39 -3.84 19.89 -6.93
CA ASP A 39 -3.94 21.27 -7.41
C ASP A 39 -2.68 22.06 -7.09
N LYS A 42 3.42 23.95 -9.31
CA LYS A 42 4.13 23.47 -10.51
C LYS A 42 4.59 22.01 -10.40
N LEU A 43 3.65 21.08 -10.26
CA LEU A 43 4.01 19.72 -9.89
C LEU A 43 4.64 18.99 -11.08
N GLN A 44 5.82 18.43 -10.86
CA GLN A 44 6.40 17.55 -11.87
C GLN A 44 5.59 16.25 -12.07
N LEU A 45 5.58 15.72 -13.29
CA LEU A 45 4.82 14.52 -13.64
C LEU A 45 5.20 13.23 -12.88
N PRO A 46 6.52 12.96 -12.68
CA PRO A 46 6.85 11.83 -11.79
C PRO A 46 6.19 11.94 -10.40
N ASP A 47 6.12 13.17 -9.86
CA ASP A 47 5.54 13.42 -8.52
C ASP A 47 4.06 13.33 -8.49
N TYR A 48 3.42 13.77 -9.58
CA TYR A 48 2.01 13.56 -9.79
C TYR A 48 1.64 12.11 -9.79
N TYR A 49 2.41 11.28 -10.51
CA TYR A 49 2.19 9.82 -10.44
C TYR A 49 2.37 9.22 -9.00
N THR A 50 3.44 9.62 -8.31
CA THR A 50 3.66 9.23 -6.92
C THR A 50 2.45 9.48 -6.01
N ILE A 51 1.86 10.67 -6.13
CA ILE A 51 0.63 10.99 -5.43
C ILE A 51 -0.53 10.10 -5.82
N ILE A 52 -0.88 10.05 -7.10
CA ILE A 52 -2.13 9.42 -7.55
C ILE A 52 -2.14 7.90 -7.59
N LYS A 53 -0.97 7.27 -7.52
CA LYS A 53 -0.84 5.77 -7.48
C LYS A 53 -1.28 5.09 -6.17
N ASN A 54 -1.47 5.90 -5.13
CA ASN A 54 -2.10 5.45 -3.87
C ASN A 54 -3.60 5.48 -4.07
N PRO A 55 -4.27 4.32 -4.04
CA PRO A 55 -5.70 4.26 -4.26
C PRO A 55 -6.56 4.72 -3.07
N MET A 56 -5.96 4.96 -1.90
CA MET A 56 -6.68 5.55 -0.78
C MET A 56 -6.29 7.01 -0.55
N ASP A 57 -7.27 7.87 -0.28
CA ASP A 57 -6.96 9.27 0.04
C ASP A 57 -7.95 9.80 1.10
N LEU A 58 -7.66 11.00 1.59
CA LEU A 58 -8.49 11.64 2.62
C LEU A 58 -9.91 11.90 2.11
N ASN A 59 -10.07 12.15 0.80
CA ASN A 59 -11.42 12.28 0.16
C ASN A 59 -12.34 11.08 0.34
N THR A 60 -11.80 9.89 0.13
CA THR A 60 -12.53 8.66 0.25
C THR A 60 -13.00 8.45 1.67
N ILE A 61 -12.14 8.75 2.64
CA ILE A 61 -12.49 8.63 4.04
C ILE A 61 -13.55 9.67 4.44
N LYS A 62 -13.34 10.92 4.02
CA LYS A 62 -14.31 12.00 4.24
C LYS A 62 -15.72 11.66 3.69
N LYS A 63 -15.80 11.14 2.47
CA LYS A 63 -17.08 10.73 1.92
C LYS A 63 -17.73 9.57 2.69
N ARG A 64 -16.95 8.58 3.06
CA ARG A 64 -17.47 7.45 3.84
C ARG A 64 -18.07 7.85 5.19
N LEU A 65 -17.41 8.80 5.84
CA LEU A 65 -17.88 9.41 7.06
C LEU A 65 -19.16 10.29 6.84
N GLU A 66 -19.28 10.96 5.68
CA GLU A 66 -20.46 11.79 5.39
C GLU A 66 -21.68 10.92 5.06
N ASN A 67 -21.41 9.80 4.42
CA ASN A 67 -22.42 8.89 3.92
C ASN A 67 -22.60 7.65 4.79
N LYS A 68 -22.22 7.73 6.06
CA LYS A 68 -22.54 6.70 7.03
C LYS A 68 -22.13 5.28 6.53
N TYR A 69 -20.96 5.21 5.91
CA TYR A 69 -20.47 3.98 5.28
C TYR A 69 -19.94 2.99 6.29
N TYR A 70 -19.33 3.50 7.36
CA TYR A 70 -18.63 2.66 8.34
C TYR A 70 -19.62 2.17 9.36
N ALA A 71 -19.62 0.85 9.59
CA ALA A 71 -20.41 0.21 10.59
C ALA A 71 -19.66 0.22 11.93
N LYS A 72 -18.34 0.39 11.88
CA LYS A 72 -17.50 0.46 13.07
C LYS A 72 -16.43 1.52 12.87
N ALA A 73 -16.08 2.24 13.93
CA ALA A 73 -14.98 3.21 13.90
C ALA A 73 -13.62 2.60 13.53
N SER A 74 -13.44 1.32 13.89
CA SER A 74 -12.27 0.53 13.53
C SER A 74 -12.09 0.38 12.00
N GLU A 75 -13.20 0.40 11.28
CA GLU A 75 -13.16 0.36 9.83
C GLU A 75 -12.65 1.66 9.21
N CYS A 76 -12.93 2.75 9.89
CA CYS A 76 -12.33 4.03 9.56
C CYS A 76 -10.82 4.03 9.76
N ILE A 77 -10.38 3.54 10.92
CA ILE A 77 -8.95 3.41 11.23
C ILE A 77 -8.22 2.53 10.19
N GLU A 78 -8.85 1.46 9.72
CA GLU A 78 -8.27 0.59 8.64
C GLU A 78 -7.99 1.35 7.33
N ASP A 79 -8.89 2.28 6.98
CA ASP A 79 -8.73 3.09 5.78
C ASP A 79 -7.54 4.03 5.95
N PHE A 80 -7.46 4.68 7.11
CA PHE A 80 -6.31 5.51 7.42
C PHE A 80 -5.01 4.70 7.31
N ASN A 81 -4.99 3.50 7.90
CA ASN A 81 -3.85 2.60 7.80
C ASN A 81 -3.53 2.24 6.37
N THR A 82 -4.56 1.96 5.60
CA THR A 82 -4.36 1.64 4.17
C THR A 82 -3.60 2.81 3.47
N MET A 83 -4.09 4.02 3.67
CA MET A 83 -3.46 5.20 3.09
C MET A 83 -1.98 5.34 3.45
N PHE A 84 -1.67 5.36 4.74
CA PHE A 84 -0.28 5.54 5.20
C PHE A 84 0.58 4.38 4.74
N SER A 85 0.09 3.18 4.95
CA SER A 85 0.76 1.96 4.54
C SER A 85 1.15 1.97 3.07
N ASN A 86 0.23 2.39 2.18
CA ASN A 86 0.49 2.42 0.71
C ASN A 86 1.57 3.40 0.35
N CYS A 87 1.56 4.55 1.01
CA CYS A 87 2.62 5.53 0.88
C CYS A 87 4.00 4.93 1.22
N TYR A 88 4.12 4.36 2.41
CA TYR A 88 5.37 3.77 2.89
C TYR A 88 5.87 2.59 2.08
N LEU A 89 4.94 1.80 1.55
CA LEU A 89 5.29 0.58 0.86
C LEU A 89 5.88 0.82 -0.52
N TYR A 90 5.35 1.80 -1.22
CA TYR A 90 5.62 1.98 -2.65
C TYR A 90 6.47 3.26 -2.94
N ASN A 91 7.00 3.85 -1.87
CA ASN A 91 7.99 4.91 -1.95
C ASN A 91 9.21 4.64 -1.05
N LYS A 92 10.28 5.39 -1.23
CA LYS A 92 11.54 5.16 -0.46
C LYS A 92 11.48 5.99 0.83
N PRO A 93 12.09 5.50 1.92
CA PRO A 93 12.15 6.23 3.19
C PRO A 93 12.56 7.74 3.19
N GLY A 94 13.51 8.16 2.38
CA GLY A 94 13.82 9.62 2.31
C GLY A 94 12.82 10.51 1.57
N ASP A 95 11.89 9.92 0.81
CA ASP A 95 11.10 10.68 -0.17
C ASP A 95 10.21 11.72 0.50
N ASP A 96 10.03 12.85 -0.18
CA ASP A 96 9.16 13.91 0.33
C ASP A 96 7.77 13.41 0.71
N ILE A 97 7.13 12.59 -0.13
CA ILE A 97 5.78 12.17 0.13
C ILE A 97 5.74 11.35 1.44
N VAL A 98 6.82 10.60 1.70
CA VAL A 98 6.95 9.78 2.89
C VAL A 98 7.13 10.58 4.15
N LEU A 99 7.95 11.62 4.10
CA LEU A 99 8.16 12.46 5.25
C LEU A 99 6.89 13.25 5.58
N MET A 100 6.16 13.64 4.54
CA MET A 100 4.89 14.34 4.71
C MET A 100 3.85 13.42 5.32
N ALA A 101 3.76 12.19 4.82
CA ALA A 101 2.85 11.16 5.38
C ALA A 101 3.18 10.91 6.85
N GLN A 102 4.47 10.83 7.17
CA GLN A 102 4.94 10.65 8.53
C GLN A 102 4.52 11.76 9.48
N ALA A 103 4.59 13.01 9.04
CA ALA A 103 4.14 14.13 9.88
C ALA A 103 2.62 14.07 10.08
N LEU A 104 1.86 13.77 9.03
CA LEU A 104 0.42 13.58 9.17
C LEU A 104 0.05 12.41 10.06
N GLU A 105 0.84 11.34 9.97
CA GLU A 105 0.60 10.18 10.79
C GLU A 105 0.87 10.45 12.25
N LYS A 106 1.88 11.26 12.58
CA LYS A 106 2.12 11.68 13.99
C LYS A 106 0.92 12.49 14.50
N LEU A 107 0.38 13.37 13.66
CA LEU A 107 -0.79 14.20 14.03
C LEU A 107 -2.02 13.30 14.24
N PHE A 108 -2.23 12.39 13.30
CA PHE A 108 -3.28 11.36 13.42
C PHE A 108 -3.24 10.57 14.76
N MET A 109 -2.07 10.03 15.09
CA MET A 109 -1.94 9.23 16.31
C MET A 109 -2.09 10.06 17.58
N GLN A 110 -1.62 11.30 17.57
CA GLN A 110 -1.84 12.20 18.73
C GLN A 110 -3.31 12.46 18.95
N LYS A 111 -4.01 12.86 17.88
CA LYS A 111 -5.46 13.11 18.00
C LYS A 111 -6.28 11.85 18.33
N LEU A 112 -5.97 10.72 17.70
CA LEU A 112 -6.57 9.45 18.09
C LEU A 112 -6.40 9.14 19.60
N SER A 113 -5.21 9.35 20.12
CA SER A 113 -4.91 9.18 21.53
C SER A 113 -5.81 10.00 22.44
N GLN A 114 -6.33 11.11 21.94
CA GLN A 114 -7.11 11.97 22.81
C GLN A 114 -8.61 11.70 22.67
N MET A 115 -8.96 10.68 21.88
CA MET A 115 -10.37 10.43 21.60
C MET A 115 -10.97 9.90 22.87
N PRO A 116 -12.19 10.38 23.20
CA PRO A 116 -12.87 9.87 24.40
C PRO A 116 -13.08 8.36 24.31
N GLN A 117 -12.81 7.67 25.42
CA GLN A 117 -12.79 6.21 25.52
C GLN A 117 -13.90 5.80 26.44
N MET B 2 8.02 18.10 -3.79
CA MET B 2 6.78 18.42 -3.03
C MET B 2 7.07 19.10 -1.66
N ASN B 3 6.41 20.22 -1.40
CA ASN B 3 6.64 21.03 -0.18
C ASN B 3 5.52 20.82 0.85
N THR B 11 2.63 20.58 -24.92
CA THR B 11 3.16 20.15 -26.20
C THR B 11 4.41 19.31 -25.99
N ASN B 12 5.40 19.86 -25.30
CA ASN B 12 6.65 19.13 -25.04
C ASN B 12 6.45 17.93 -24.10
N GLN B 13 5.64 18.14 -23.06
CA GLN B 13 5.33 17.07 -22.11
C GLN B 13 4.64 15.89 -22.77
N LEU B 14 3.63 16.19 -23.59
CA LEU B 14 2.87 15.17 -24.33
C LEU B 14 3.70 14.43 -25.41
N GLN B 15 4.61 15.15 -26.03
CA GLN B 15 5.47 14.56 -27.05
C GLN B 15 6.41 13.56 -26.36
N TYR B 16 6.90 13.90 -25.17
CA TYR B 16 7.74 12.94 -24.42
C TYR B 16 6.95 11.71 -23.98
N LEU B 17 5.69 11.89 -23.58
CA LEU B 17 4.83 10.73 -23.19
C LEU B 17 4.61 9.82 -24.40
N GLN B 18 4.32 10.44 -25.55
CA GLN B 18 4.13 9.72 -26.78
C GLN B 18 5.46 9.10 -27.24
N LYS B 19 6.48 9.93 -27.43
CA LYS B 19 7.68 9.52 -28.14
C LYS B 19 8.65 8.72 -27.27
N VAL B 20 8.60 8.86 -25.94
CA VAL B 20 9.56 8.12 -25.09
C VAL B 20 8.90 7.13 -24.13
N VAL B 21 7.81 7.53 -23.51
CA VAL B 21 7.22 6.70 -22.47
C VAL B 21 6.32 5.64 -23.09
N LEU B 22 5.35 6.08 -23.88
CA LEU B 22 4.44 5.13 -24.55
C LEU B 22 5.21 4.21 -25.48
N LYS B 23 6.20 4.76 -26.19
CA LYS B 23 7.02 3.98 -27.10
C LYS B 23 7.77 2.79 -26.45
N ASP B 24 8.33 3.06 -25.27
CA ASP B 24 9.17 2.06 -24.60
C ASP B 24 8.38 1.04 -23.84
N LEU B 25 7.15 1.42 -23.45
CA LEU B 25 6.21 0.47 -22.86
C LEU B 25 5.64 -0.39 -23.99
N TRP B 26 5.43 0.20 -25.16
CA TRP B 26 4.75 -0.48 -26.26
C TRP B 26 5.61 -1.63 -26.76
N LYS B 27 6.91 -1.33 -26.82
CA LYS B 27 7.94 -2.24 -27.23
C LYS B 27 8.40 -3.21 -26.13
N HIS B 28 8.03 -2.98 -24.89
CA HIS B 28 8.34 -3.92 -23.83
C HIS B 28 7.72 -5.32 -24.17
N SER B 29 8.50 -6.37 -23.92
CA SER B 29 8.07 -7.79 -24.06
C SER B 29 6.71 -8.11 -23.41
N PHE B 30 6.47 -7.50 -22.24
CA PHE B 30 5.25 -7.71 -21.46
C PHE B 30 4.14 -6.68 -21.62
N SER B 31 4.15 -5.91 -22.71
CA SER B 31 3.03 -4.99 -22.98
C SER B 31 1.77 -5.67 -23.57
N TRP B 32 1.90 -6.91 -24.06
CA TRP B 32 0.79 -7.52 -24.79
C TRP B 32 -0.51 -7.69 -23.98
N PRO B 33 -0.46 -7.97 -22.64
CA PRO B 33 -1.76 -7.95 -21.92
C PRO B 33 -2.44 -6.58 -21.79
N PHE B 34 -1.71 -5.53 -22.19
CA PHE B 34 -2.14 -4.15 -22.05
C PHE B 34 -2.40 -3.51 -23.40
N GLN B 35 -2.47 -4.37 -24.41
CA GLN B 35 -2.82 -4.01 -25.77
C GLN B 35 -4.11 -4.76 -26.22
N ARG B 36 -4.86 -4.15 -27.14
CA ARG B 36 -6.04 -4.75 -27.79
C ARG B 36 -5.90 -4.65 -29.31
N PRO B 37 -6.31 -5.71 -30.04
CA PRO B 37 -6.81 -6.99 -29.54
C PRO B 37 -5.73 -7.84 -28.90
N VAL B 38 -6.16 -8.87 -28.18
CA VAL B 38 -5.27 -9.78 -27.49
C VAL B 38 -4.69 -10.78 -28.48
N LYS B 42 -0.88 -18.69 -26.64
CA LYS B 42 -1.74 -19.88 -26.52
C LYS B 42 -2.69 -19.63 -25.32
N LEU B 43 -3.53 -18.62 -25.47
CA LEU B 43 -4.25 -18.06 -24.31
C LEU B 43 -5.52 -18.80 -23.88
N GLN B 44 -5.58 -19.10 -22.58
CA GLN B 44 -6.74 -19.69 -21.97
C GLN B 44 -7.82 -18.66 -21.54
N LEU B 45 -9.06 -19.13 -21.44
CA LEU B 45 -10.22 -18.27 -21.16
C LEU B 45 -10.18 -17.50 -19.83
N PRO B 46 -9.83 -18.18 -18.71
CA PRO B 46 -9.68 -17.48 -17.44
C PRO B 46 -8.76 -16.26 -17.59
N ASP B 47 -7.66 -16.46 -18.32
CA ASP B 47 -6.64 -15.44 -18.51
C ASP B 47 -7.05 -14.42 -19.53
N TYR B 48 -7.78 -14.84 -20.55
CA TYR B 48 -8.31 -13.88 -21.48
C TYR B 48 -9.28 -12.91 -20.74
N TYR B 49 -10.13 -13.41 -19.86
CA TYR B 49 -11.03 -12.55 -19.06
C TYR B 49 -10.24 -11.56 -18.15
N THR B 50 -9.22 -12.05 -17.47
CA THR B 50 -8.27 -11.24 -16.71
C THR B 50 -7.68 -10.04 -17.47
N ILE B 51 -7.30 -10.26 -18.75
CA ILE B 51 -6.85 -9.22 -19.62
C ILE B 51 -7.96 -8.22 -19.95
N ILE B 52 -9.06 -8.68 -20.53
CA ILE B 52 -10.05 -7.74 -21.12
C ILE B 52 -10.92 -7.02 -20.07
N LYS B 53 -10.90 -7.50 -18.84
CA LYS B 53 -11.69 -6.87 -17.77
C LYS B 53 -11.09 -5.51 -17.36
N ASN B 54 -9.83 -5.25 -17.71
CA ASN B 54 -9.24 -3.93 -17.46
C ASN B 54 -9.73 -2.97 -18.55
N PRO B 55 -10.53 -1.95 -18.18
CA PRO B 55 -11.07 -1.03 -19.14
C PRO B 55 -10.04 -0.07 -19.76
N MET B 56 -8.84 0.03 -19.20
CA MET B 56 -7.79 0.85 -19.77
C MET B 56 -6.69 0.00 -20.37
N ASP B 57 -6.23 0.47 -21.54
CA ASP B 57 -5.18 -0.20 -22.30
C ASP B 57 -4.32 0.84 -22.98
N LEU B 58 -3.15 0.40 -23.43
CA LEU B 58 -2.17 1.23 -24.11
C LEU B 58 -2.64 1.72 -25.48
N ASN B 59 -3.55 1.00 -26.16
CA ASN B 59 -4.09 1.46 -27.45
C ASN B 59 -4.93 2.73 -27.28
N THR B 60 -5.76 2.73 -26.25
CA THR B 60 -6.49 3.96 -25.90
C THR B 60 -5.56 5.13 -25.67
N ILE B 61 -4.51 4.93 -24.87
CA ILE B 61 -3.58 6.03 -24.54
C ILE B 61 -2.91 6.53 -25.85
N LYS B 62 -2.43 5.58 -26.67
CA LYS B 62 -1.88 5.89 -28.00
C LYS B 62 -2.81 6.73 -28.89
N LYS B 63 -4.08 6.36 -28.98
CA LYS B 63 -5.02 7.10 -29.81
C LYS B 63 -5.30 8.50 -29.22
N ARG B 64 -5.39 8.58 -27.89
CA ARG B 64 -5.64 9.84 -27.22
C ARG B 64 -4.52 10.85 -27.42
N LEU B 65 -3.27 10.40 -27.35
CA LEU B 65 -2.12 11.23 -27.72
C LEU B 65 -2.13 11.61 -29.20
N GLU B 66 -2.48 10.69 -30.09
CA GLU B 66 -2.48 10.98 -31.52
C GLU B 66 -3.56 11.97 -31.88
N ASN B 67 -4.67 11.95 -31.17
CA ASN B 67 -5.84 12.74 -31.53
C ASN B 67 -5.94 14.02 -30.71
N LYS B 68 -4.87 14.40 -30.02
CA LYS B 68 -4.90 15.60 -29.21
C LYS B 68 -6.04 15.59 -28.16
N TYR B 69 -6.28 14.43 -27.55
CA TYR B 69 -7.37 14.26 -26.60
C TYR B 69 -7.11 15.00 -25.29
N TYR B 70 -5.84 15.09 -24.88
CA TYR B 70 -5.49 15.59 -23.55
C TYR B 70 -5.25 17.09 -23.55
N ALA B 71 -5.85 17.81 -22.61
CA ALA B 71 -5.59 19.24 -22.39
C ALA B 71 -4.31 19.42 -21.59
N LYS B 72 -4.10 18.54 -20.60
CA LYS B 72 -2.89 18.49 -19.79
C LYS B 72 -2.25 17.08 -19.80
N ALA B 73 -0.91 17.04 -19.77
CA ALA B 73 -0.13 15.83 -19.69
C ALA B 73 -0.46 15.04 -18.42
N SER B 74 -0.86 15.71 -17.34
CA SER B 74 -1.28 15.02 -16.12
C SER B 74 -2.51 14.10 -16.34
N GLU B 75 -3.33 14.43 -17.35
CA GLU B 75 -4.47 13.57 -17.72
C GLU B 75 -4.05 12.22 -18.36
N CYS B 76 -2.97 12.25 -19.09
CA CYS B 76 -2.37 11.04 -19.65
C CYS B 76 -1.79 10.17 -18.51
N ILE B 77 -1.16 10.82 -17.55
CA ILE B 77 -0.63 10.08 -16.38
C ILE B 77 -1.76 9.39 -15.62
N GLU B 78 -2.92 10.06 -15.52
CA GLU B 78 -4.11 9.51 -14.89
C GLU B 78 -4.59 8.22 -15.63
N ASP B 79 -4.52 8.19 -16.97
CA ASP B 79 -4.92 7.00 -17.73
C ASP B 79 -3.98 5.84 -17.49
N PHE B 80 -2.67 6.11 -17.43
CA PHE B 80 -1.69 5.09 -17.05
C PHE B 80 -1.95 4.53 -15.62
N ASN B 81 -2.30 5.42 -14.71
CA ASN B 81 -2.66 5.02 -13.36
C ASN B 81 -3.88 4.14 -13.33
N THR B 82 -4.91 4.51 -14.10
CA THR B 82 -6.12 3.70 -14.23
C THR B 82 -5.78 2.28 -14.68
N MET B 83 -4.94 2.17 -15.69
CA MET B 83 -4.43 0.88 -16.16
C MET B 83 -3.72 0.04 -15.10
N PHE B 84 -2.68 0.59 -14.46
CA PHE B 84 -1.95 -0.16 -13.45
C PHE B 84 -2.82 -0.46 -12.23
N SER B 85 -3.56 0.54 -11.80
CA SER B 85 -4.38 0.37 -10.61
C SER B 85 -5.49 -0.69 -10.79
N ASN B 86 -6.12 -0.70 -11.97
CA ASN B 86 -7.11 -1.71 -12.28
C ASN B 86 -6.51 -3.11 -12.25
N CYS B 87 -5.28 -3.23 -12.70
CA CYS B 87 -4.58 -4.50 -12.72
C CYS B 87 -4.32 -4.98 -11.29
N TYR B 88 -3.80 -4.06 -10.46
CA TYR B 88 -3.46 -4.37 -9.05
C TYR B 88 -4.63 -4.62 -8.14
N LEU B 89 -5.68 -3.82 -8.28
CA LEU B 89 -6.89 -3.96 -7.47
C LEU B 89 -7.70 -5.24 -7.67
N TYR B 90 -7.75 -5.76 -8.90
CA TYR B 90 -8.71 -6.83 -9.21
C TYR B 90 -8.04 -8.14 -9.61
N ASN B 91 -6.75 -8.25 -9.29
CA ASN B 91 -5.99 -9.47 -9.48
C ASN B 91 -5.17 -9.71 -8.22
N LYS B 92 -4.52 -10.88 -8.12
CA LYS B 92 -3.81 -11.25 -6.89
C LYS B 92 -2.32 -10.99 -7.03
N PRO B 93 -1.64 -10.57 -5.94
CA PRO B 93 -0.19 -10.36 -6.04
C PRO B 93 0.52 -11.59 -6.61
N GLY B 94 1.54 -11.41 -7.45
CA GLY B 94 2.24 -12.60 -8.04
C GLY B 94 1.48 -13.42 -9.10
N ASP B 95 0.29 -12.95 -9.50
CA ASP B 95 -0.35 -13.40 -10.73
C ASP B 95 0.52 -12.87 -11.86
N ASP B 96 0.62 -13.66 -12.91
CA ASP B 96 1.39 -13.32 -14.07
C ASP B 96 1.06 -11.91 -14.61
N ILE B 97 -0.23 -11.52 -14.64
CA ILE B 97 -0.59 -10.19 -15.14
C ILE B 97 -0.05 -9.05 -14.24
N VAL B 98 -0.03 -9.27 -12.92
CA VAL B 98 0.48 -8.30 -11.98
C VAL B 98 2.02 -8.16 -12.17
N LEU B 99 2.71 -9.26 -12.38
CA LEU B 99 4.16 -9.21 -12.54
C LEU B 99 4.52 -8.43 -13.79
N MET B 100 3.77 -8.71 -14.85
CA MET B 100 3.93 -7.98 -16.11
C MET B 100 3.63 -6.46 -15.97
N ALA B 101 2.53 -6.15 -15.29
CA ALA B 101 2.16 -4.79 -14.97
C ALA B 101 3.24 -4.10 -14.15
N GLN B 102 3.82 -4.78 -13.16
CA GLN B 102 4.82 -4.13 -12.29
C GLN B 102 6.13 -3.82 -13.02
N ALA B 103 6.55 -4.70 -13.93
CA ALA B 103 7.68 -4.47 -14.80
C ALA B 103 7.44 -3.26 -15.72
N LEU B 104 6.22 -3.15 -16.27
CA LEU B 104 5.90 -1.96 -17.07
C LEU B 104 5.93 -0.70 -16.23
N GLU B 105 5.53 -0.85 -14.97
CA GLU B 105 5.33 0.27 -14.09
C GLU B 105 6.66 0.80 -13.62
N LYS B 106 7.57 -0.12 -13.33
CA LYS B 106 8.96 0.24 -13.01
C LYS B 106 9.60 1.02 -14.13
N LEU B 107 9.53 0.49 -15.34
CA LEU B 107 10.02 1.16 -16.47
C LEU B 107 9.33 2.49 -16.64
N PHE B 108 8.02 2.53 -16.42
CA PHE B 108 7.29 3.78 -16.54
C PHE B 108 7.78 4.87 -15.57
N MET B 109 7.92 4.52 -14.30
CA MET B 109 8.44 5.43 -13.28
C MET B 109 9.86 5.90 -13.61
N GLN B 110 10.67 5.00 -14.15
CA GLN B 110 12.00 5.30 -14.65
C GLN B 110 11.98 6.39 -15.71
N LYS B 111 11.21 6.18 -16.77
CA LYS B 111 11.09 7.20 -17.81
C LYS B 111 10.54 8.52 -17.31
N LEU B 112 9.57 8.49 -16.39
CA LEU B 112 9.09 9.74 -15.77
C LEU B 112 10.17 10.43 -14.95
N SER B 113 10.92 9.66 -14.16
CA SER B 113 12.03 10.23 -13.36
C SER B 113 13.13 10.87 -14.25
N GLN B 114 13.32 10.33 -15.43
CA GLN B 114 14.28 10.86 -16.41
C GLN B 114 13.75 12.03 -17.23
N MET B 115 12.46 12.33 -17.14
CA MET B 115 11.86 13.37 -17.98
C MET B 115 12.51 14.71 -17.69
N PRO B 116 12.90 15.46 -18.74
CA PRO B 116 13.39 16.83 -18.54
C PRO B 116 12.34 17.77 -17.92
N GLN B 117 12.74 18.63 -16.98
CA GLN B 117 11.82 19.52 -16.30
C GLN B 117 11.95 20.95 -16.81
N ASN C 12 12.18 -28.82 4.50
CA ASN C 12 12.69 -29.24 5.85
C ASN C 12 12.93 -28.08 6.81
N GLN C 13 13.69 -27.08 6.38
CA GLN C 13 13.85 -25.83 7.16
C GLN C 13 12.52 -25.08 7.12
N LEU C 14 11.94 -24.97 5.92
CA LEU C 14 10.63 -24.33 5.75
C LEU C 14 9.48 -25.03 6.47
N GLN C 15 9.59 -26.36 6.59
CA GLN C 15 8.62 -27.19 7.31
C GLN C 15 8.76 -27.03 8.81
N TYR C 16 10.00 -27.08 9.28
CA TYR C 16 10.30 -26.79 10.68
C TYR C 16 9.75 -25.42 11.10
N LEU C 17 9.94 -24.41 10.27
CA LEU C 17 9.41 -23.08 10.49
C LEU C 17 7.91 -23.08 10.53
N GLN C 18 7.29 -23.85 9.64
CA GLN C 18 5.85 -23.96 9.63
C GLN C 18 5.29 -24.79 10.79
N LYS C 19 5.90 -25.94 11.06
CA LYS C 19 5.31 -26.92 11.94
C LYS C 19 5.76 -26.77 13.37
N VAL C 20 6.93 -26.19 13.60
CA VAL C 20 7.44 -26.07 14.98
C VAL C 20 7.49 -24.61 15.45
N VAL C 21 8.09 -23.72 14.66
CA VAL C 21 8.37 -22.36 15.11
C VAL C 21 7.08 -21.56 15.16
N LEU C 22 6.34 -21.58 14.07
CA LEU C 22 5.09 -20.87 14.03
C LEU C 22 4.08 -21.42 15.08
N LYS C 23 4.06 -22.74 15.28
CA LYS C 23 3.17 -23.39 16.22
C LYS C 23 3.38 -22.81 17.65
N ASP C 24 4.63 -22.76 18.07
CA ASP C 24 5.00 -22.29 19.40
C ASP C 24 4.83 -20.80 19.58
N LEU C 25 5.01 -20.01 18.51
CA LEU C 25 4.73 -18.59 18.53
C LEU C 25 3.24 -18.34 18.66
N TRP C 26 2.43 -19.14 17.98
CA TRP C 26 0.99 -19.00 18.00
C TRP C 26 0.43 -19.23 19.40
N LYS C 27 0.99 -20.23 20.08
CA LYS C 27 0.65 -20.58 21.46
C LYS C 27 1.05 -19.54 22.51
N HIS C 28 2.13 -18.79 22.26
CA HIS C 28 2.59 -17.75 23.19
C HIS C 28 1.44 -16.78 23.46
N SER C 29 1.24 -16.46 24.74
CA SER C 29 0.14 -15.55 25.16
C SER C 29 0.30 -14.14 24.59
N PHE C 30 1.52 -13.75 24.23
CA PHE C 30 1.74 -12.42 23.61
C PHE C 30 1.66 -12.38 22.08
N SER C 31 1.13 -13.41 21.41
CA SER C 31 1.18 -13.42 19.95
C SER C 31 0.03 -12.62 19.29
N TRP C 32 -1.04 -12.33 20.01
CA TRP C 32 -2.27 -11.82 19.38
C TRP C 32 -2.12 -10.43 18.74
N PRO C 33 -1.27 -9.55 19.28
CA PRO C 33 -1.06 -8.30 18.52
C PRO C 33 -0.37 -8.49 17.12
N PHE C 34 0.12 -9.69 16.83
CA PHE C 34 0.92 -9.94 15.62
C PHE C 34 0.17 -10.90 14.69
N GLN C 35 -1.10 -11.11 15.00
CA GLN C 35 -2.00 -11.89 14.23
C GLN C 35 -3.10 -11.00 13.60
N ARG C 36 -3.75 -11.50 12.56
CA ARG C 36 -4.92 -10.85 11.98
C ARG C 36 -6.04 -11.85 11.70
N PRO C 37 -7.29 -11.43 11.87
CA PRO C 37 -7.76 -10.10 12.33
C PRO C 37 -7.54 -9.86 13.82
N VAL C 38 -7.67 -8.61 14.24
CA VAL C 38 -7.41 -8.23 15.63
C VAL C 38 -8.62 -8.57 16.53
N LYS C 42 -11.85 -5.77 24.04
CA LYS C 42 -12.19 -4.40 23.66
C LYS C 42 -10.94 -3.53 23.61
N LEU C 43 -10.28 -3.54 22.47
CA LEU C 43 -9.15 -2.64 22.27
C LEU C 43 -9.62 -1.19 22.12
N GLN C 44 -8.89 -0.28 22.74
CA GLN C 44 -9.05 1.13 22.46
C GLN C 44 -8.51 1.35 21.01
N LEU C 45 -9.11 2.30 20.30
CA LEU C 45 -8.81 2.55 18.88
C LEU C 45 -7.36 2.89 18.63
N PRO C 46 -6.72 3.67 19.54
CA PRO C 46 -5.29 3.93 19.42
C PRO C 46 -4.42 2.67 19.44
N ASP C 47 -4.76 1.76 20.34
CA ASP C 47 -4.06 0.46 20.41
C ASP C 47 -4.29 -0.38 19.18
N TYR C 48 -5.50 -0.28 18.66
CA TYR C 48 -5.85 -0.91 17.42
C TYR C 48 -4.98 -0.40 16.27
N TYR C 49 -4.80 0.91 16.13
CA TYR C 49 -3.98 1.40 15.06
C TYR C 49 -2.53 0.92 15.24
N THR C 50 -2.05 0.98 16.47
CA THR C 50 -0.68 0.53 16.86
C THR C 50 -0.38 -0.90 16.44
N ILE C 51 -1.38 -1.76 16.55
CA ILE C 51 -1.32 -3.12 15.98
C ILE C 51 -1.30 -3.19 14.46
N ILE C 52 -2.28 -2.55 13.78
CA ILE C 52 -2.42 -2.76 12.36
C ILE C 52 -1.38 -1.99 11.50
N LYS C 53 -0.74 -0.96 12.07
CA LYS C 53 0.21 -0.15 11.35
C LYS C 53 1.50 -0.91 11.03
N ASN C 54 1.67 -2.09 11.62
CA ASN C 54 2.76 -3.00 11.22
C ASN C 54 2.27 -3.81 10.02
N PRO C 55 2.99 -3.72 8.88
CA PRO C 55 2.56 -4.36 7.66
C PRO C 55 3.01 -5.80 7.51
N MET C 56 3.64 -6.36 8.54
CA MET C 56 3.88 -7.82 8.62
C MET C 56 3.25 -8.36 9.88
N ASP C 57 2.73 -9.57 9.78
CA ASP C 57 2.09 -10.27 10.89
C ASP C 57 2.27 -11.77 10.65
N LEU C 58 2.00 -12.55 11.69
CA LEU C 58 2.20 -13.99 11.70
C LEU C 58 1.30 -14.75 10.71
N ASN C 59 0.10 -14.22 10.49
CA ASN C 59 -0.85 -14.76 9.53
C ASN C 59 -0.38 -14.64 8.10
N THR C 60 0.16 -13.48 7.70
CA THR C 60 0.82 -13.36 6.40
C THR C 60 1.96 -14.38 6.20
N ILE C 61 2.78 -14.57 7.23
CA ILE C 61 3.91 -15.55 7.22
C ILE C 61 3.38 -17.00 7.09
N LYS C 62 2.30 -17.32 7.83
CA LYS C 62 1.66 -18.64 7.78
C LYS C 62 1.09 -18.95 6.38
N LYS C 63 0.40 -17.97 5.79
CA LYS C 63 -0.17 -18.08 4.44
C LYS C 63 0.93 -18.38 3.44
N ARG C 64 2.03 -17.64 3.54
CA ARG C 64 3.15 -17.81 2.63
C ARG C 64 3.87 -19.15 2.75
N LEU C 65 4.09 -19.63 3.95
CA LEU C 65 4.59 -21.01 4.15
C LEU C 65 3.58 -22.04 3.56
N GLU C 66 2.29 -21.79 3.72
CA GLU C 66 1.23 -22.69 3.19
C GLU C 66 0.98 -22.56 1.70
N ASN C 67 1.29 -21.40 1.13
CA ASN C 67 1.16 -21.18 -0.32
C ASN C 67 2.47 -21.29 -1.07
N LYS C 68 3.49 -21.93 -0.51
CA LYS C 68 4.75 -22.12 -1.23
C LYS C 68 5.34 -20.78 -1.75
N TYR C 69 5.28 -19.75 -0.91
CA TYR C 69 5.68 -18.42 -1.32
C TYR C 69 7.19 -18.23 -1.23
N TYR C 70 7.81 -18.89 -0.27
CA TYR C 70 9.22 -18.68 0.01
C TYR C 70 10.11 -19.60 -0.84
N ALA C 71 10.97 -19.02 -1.65
CA ALA C 71 11.94 -19.85 -2.41
C ALA C 71 12.85 -20.55 -1.39
N LYS C 72 13.16 -19.83 -0.32
CA LYS C 72 14.29 -20.14 0.57
C LYS C 72 13.86 -19.71 1.99
N ALA C 73 14.29 -20.45 3.01
CA ALA C 73 13.87 -20.24 4.41
C ALA C 73 14.35 -18.92 4.98
N SER C 74 15.45 -18.40 4.40
CA SER C 74 16.03 -17.11 4.68
C SER C 74 15.05 -15.99 4.38
N GLU C 75 14.22 -16.19 3.36
CA GLU C 75 13.17 -15.25 3.01
C GLU C 75 12.10 -15.16 4.07
N CYS C 76 11.86 -16.27 4.76
CA CYS C 76 10.89 -16.33 5.84
C CYS C 76 11.41 -15.59 7.07
N ILE C 77 12.67 -15.85 7.42
CA ILE C 77 13.40 -15.12 8.49
C ILE C 77 13.38 -13.61 8.29
N GLU C 78 13.58 -13.16 7.04
CA GLU C 78 13.42 -11.79 6.60
C GLU C 78 12.04 -11.16 6.87
N ASP C 79 10.98 -11.94 6.66
CA ASP C 79 9.65 -11.52 7.04
C ASP C 79 9.50 -11.40 8.54
N PHE C 80 10.01 -12.38 9.30
CA PHE C 80 10.05 -12.24 10.76
C PHE C 80 10.81 -10.98 11.18
N ASN C 81 11.94 -10.71 10.53
CA ASN C 81 12.72 -9.51 10.84
C ASN C 81 11.93 -8.21 10.59
N THR C 82 11.19 -8.17 9.49
CA THR C 82 10.31 -7.06 9.18
C THR C 82 9.28 -6.82 10.22
N MET C 83 8.63 -7.88 10.70
CA MET C 83 7.69 -7.77 11.76
C MET C 83 8.29 -7.21 13.05
N PHE C 84 9.37 -7.80 13.56
CA PHE C 84 9.94 -7.35 14.84
C PHE C 84 10.50 -5.96 14.72
N SER C 85 11.23 -5.71 13.61
CA SER C 85 11.79 -4.39 13.34
C SER C 85 10.80 -3.28 13.18
N ASN C 86 9.72 -3.50 12.43
CA ASN C 86 8.64 -2.50 12.43
C ASN C 86 8.04 -2.23 13.79
N CYS C 87 7.91 -3.27 14.61
CA CYS C 87 7.40 -3.06 15.94
C CYS C 87 8.34 -2.14 16.77
N TYR C 88 9.65 -2.44 16.71
CA TYR C 88 10.64 -1.72 17.52
C TYR C 88 10.92 -0.32 17.02
N LEU C 89 10.83 -0.09 15.71
CA LEU C 89 11.20 1.18 15.14
C LEU C 89 10.15 2.26 15.39
N TYR C 90 8.89 1.86 15.31
CA TYR C 90 7.78 2.80 15.32
C TYR C 90 6.96 2.81 16.60
N ASN C 91 7.49 2.25 17.69
CA ASN C 91 6.90 2.39 19.03
C ASN C 91 7.98 2.72 20.03
N LYS C 92 7.60 3.09 21.23
CA LYS C 92 8.58 3.49 22.24
C LYS C 92 9.03 2.28 23.04
N PRO C 93 10.31 2.25 23.44
CA PRO C 93 10.70 1.15 24.31
C PRO C 93 9.92 1.23 25.62
N GLY C 94 9.47 0.10 26.13
CA GLY C 94 8.68 0.12 27.37
C GLY C 94 7.20 0.10 27.11
N ASP C 95 6.81 0.39 25.87
CA ASP C 95 5.42 0.24 25.45
C ASP C 95 5.06 -1.25 25.52
N ASP C 96 3.79 -1.54 25.81
CA ASP C 96 3.30 -2.91 25.92
C ASP C 96 3.63 -3.76 24.67
N ILE C 97 3.43 -3.21 23.46
CA ILE C 97 3.58 -3.99 22.24
C ILE C 97 5.07 -4.39 21.95
N VAL C 98 5.98 -3.53 22.38
CA VAL C 98 7.43 -3.72 22.33
C VAL C 98 7.85 -4.78 23.37
N LEU C 99 7.37 -4.68 24.60
CA LEU C 99 7.65 -5.74 25.60
C LEU C 99 7.08 -7.14 25.16
N MET C 100 5.94 -7.11 24.50
CA MET C 100 5.31 -8.32 23.98
C MET C 100 6.04 -8.89 22.80
N ALA C 101 6.40 -8.03 21.85
CA ALA C 101 7.30 -8.40 20.76
C ALA C 101 8.65 -8.95 21.24
N GLN C 102 9.25 -8.37 22.29
CA GLN C 102 10.55 -8.87 22.77
C GLN C 102 10.53 -10.27 23.38
N ALA C 103 9.45 -10.61 24.08
CA ALA C 103 9.16 -11.95 24.56
C ALA C 103 8.94 -12.92 23.42
N LEU C 104 8.13 -12.55 22.43
CA LEU C 104 7.96 -13.40 21.27
C LEU C 104 9.31 -13.62 20.52
N GLU C 105 10.11 -12.57 20.36
CA GLU C 105 11.37 -12.66 19.62
C GLU C 105 12.38 -13.59 20.33
N LYS C 106 12.32 -13.62 21.66
CA LYS C 106 13.23 -14.44 22.45
C LYS C 106 12.92 -15.93 22.23
N LEU C 107 11.64 -16.28 22.25
CA LEU C 107 11.21 -17.65 21.93
C LEU C 107 11.59 -17.97 20.47
N PHE C 108 11.31 -17.06 19.55
CA PHE C 108 11.69 -17.21 18.13
C PHE C 108 13.17 -17.54 17.97
N MET C 109 14.04 -16.75 18.60
CA MET C 109 15.47 -17.03 18.52
C MET C 109 15.83 -18.37 19.17
N GLN C 110 15.20 -18.71 20.28
CA GLN C 110 15.43 -20.01 20.94
C GLN C 110 15.06 -21.16 19.99
N LYS C 111 13.92 -21.00 19.30
CA LYS C 111 13.50 -21.96 18.30
C LYS C 111 14.47 -22.05 17.11
N LEU C 112 14.93 -20.90 16.60
CA LEU C 112 15.98 -20.95 15.55
C LEU C 112 17.25 -21.69 15.98
N SER C 113 17.70 -21.48 17.22
CA SER C 113 18.81 -22.22 17.81
C SER C 113 18.70 -23.73 17.63
N GLN C 114 17.57 -24.26 18.04
CA GLN C 114 17.25 -25.66 17.98
C GLN C 114 16.88 -26.15 16.61
N MET C 115 17.00 -25.35 15.57
CA MET C 115 16.44 -25.73 14.28
C MET C 115 17.26 -26.87 13.69
#